data_5IJJ
#
_entry.id   5IJJ
#
_cell.length_a   89.363
_cell.length_b   53.366
_cell.length_c   94.314
_cell.angle_alpha   90.00
_cell.angle_beta   113.42
_cell.angle_gamma   90.00
#
_symmetry.space_group_name_H-M   'C 1 2 1'
#
loop_
_entity.id
_entity.type
_entity.pdbx_description
1 polymer 'SPX domain'
2 non-polymer 'INOSITOL HEXAKISPHOSPHATE'
3 non-polymer 1,2-ETHANEDIOL
4 non-polymer 'ACETATE ION'
5 water water
#
_entity_poly.entity_id   1
_entity_poly.type   'polypeptide(L)'
_entity_poly.pdbx_seq_one_letter_code
;MKFGKNLPRNQVPEWAGSYINYKGLKKLVKAAAESAKDGQPVDLAEFFFALDRNLEDVDSFYNKKFADACRRLKVLQDRY
GTTPEVVVNLDDDEAEELMGALLELRSQLRKLQWFGEINRRGFIKITKKLDKKVPNTTTQHRYISTKVDPKPFAKDTTVA
RILTEINRWISVLGDARNVEDNRSLEHHHHHH
;
_entity_poly.pdbx_strand_id   A,B
#
loop_
_chem_comp.id
_chem_comp.type
_chem_comp.name
_chem_comp.formula
ACT non-polymer 'ACETATE ION' 'C2 H3 O2 -1'
EDO non-polymer 1,2-ETHANEDIOL 'C2 H6 O2'
IHP non-polymer 'INOSITOL HEXAKISPHOSPHATE' 'C6 H18 O24 P6'
#
# COMPACT_ATOMS: atom_id res chain seq x y z
N MET A 1 -0.93 -5.86 23.99
CA MET A 1 -1.49 -4.66 23.30
C MET A 1 -2.58 -5.12 22.28
N LYS A 2 -3.75 -4.44 22.33
CA LYS A 2 -4.87 -4.48 21.38
C LYS A 2 -4.30 -4.01 20.05
N PHE A 3 -4.18 -4.90 19.09
CA PHE A 3 -3.56 -4.51 17.83
C PHE A 3 -4.58 -3.88 16.86
N GLY A 4 -5.71 -4.59 16.61
CA GLY A 4 -6.76 -4.18 15.63
C GLY A 4 -7.33 -2.80 15.87
N LYS A 5 -7.70 -2.51 17.11
CA LYS A 5 -8.23 -1.18 17.44
C LYS A 5 -7.17 -0.06 17.27
N ASN A 6 -5.89 -0.37 17.49
CA ASN A 6 -4.84 0.66 17.38
C ASN A 6 -4.26 0.78 15.92
N LEU A 7 -4.62 -0.15 15.02
CA LEU A 7 -4.03 -0.20 13.67
C LEU A 7 -4.17 1.08 12.85
N PRO A 8 -5.42 1.63 12.68
CA PRO A 8 -5.62 2.94 12.03
C PRO A 8 -4.75 4.03 12.60
N ARG A 9 -4.73 4.11 13.92
CA ARG A 9 -3.88 5.06 14.64
C ARG A 9 -2.34 4.87 14.37
N ASN A 10 -1.89 3.61 14.21
CA ASN A 10 -0.45 3.27 13.88
C ASN A 10 -0.05 3.13 12.38
N GLN A 11 -0.97 3.44 11.47
CA GLN A 11 -0.75 3.40 10.03
C GLN A 11 -0.25 4.69 9.45
N VAL A 12 0.82 4.64 8.63
CA VAL A 12 1.22 5.77 7.79
C VAL A 12 0.09 5.88 6.75
N PRO A 13 -0.66 6.97 6.77
CA PRO A 13 -1.99 6.97 6.09
C PRO A 13 -1.90 6.77 4.55
N GLU A 14 -0.87 7.35 3.96
CA GLU A 14 -0.58 7.23 2.54
C GLU A 14 -0.34 5.80 2.09
N TRP A 15 0.02 4.91 3.00
CA TRP A 15 0.34 3.51 2.69
C TRP A 15 -0.66 2.53 3.29
N ALA A 16 -1.86 3.02 3.63
CA ALA A 16 -2.82 2.26 4.50
C ALA A 16 -3.15 0.86 3.94
N GLY A 17 -3.43 0.80 2.66
CA GLY A 17 -3.79 -0.43 1.99
C GLY A 17 -2.67 -1.34 1.83
N SER A 18 -1.44 -0.93 2.15
CA SER A 18 -0.34 -1.92 2.10
C SER A 18 0.05 -2.56 3.44
N TYR A 19 -0.63 -2.21 4.52
CA TYR A 19 -0.46 -2.92 5.79
C TYR A 19 -1.14 -4.25 5.71
N ILE A 20 -0.64 -5.16 6.54
CA ILE A 20 -1.32 -6.38 6.82
C ILE A 20 -2.77 -6.17 6.98
N ASN A 21 -3.54 -6.98 6.27
CA ASN A 21 -5.00 -6.86 6.29
C ASN A 21 -5.45 -7.61 7.56
N TYR A 22 -5.30 -6.94 8.71
CA TYR A 22 -5.55 -7.64 9.96
C TYR A 22 -7.04 -8.05 10.09
N LYS A 23 -7.88 -7.16 9.66
CA LYS A 23 -9.33 -7.28 9.70
C LYS A 23 -9.77 -8.52 8.90
N GLY A 24 -9.34 -8.63 7.66
CA GLY A 24 -9.68 -9.80 6.83
C GLY A 24 -9.09 -11.05 7.38
N LEU A 25 -7.89 -10.99 7.95
CA LEU A 25 -7.28 -12.20 8.52
C LEU A 25 -8.02 -12.71 9.74
N LYS A 26 -8.56 -11.79 10.54
CA LYS A 26 -9.34 -12.15 11.67
C LYS A 26 -10.60 -12.89 11.32
N LYS A 27 -11.27 -12.56 10.20
CA LYS A 27 -12.46 -13.34 9.77
C LYS A 27 -12.12 -14.76 9.37
N LEU A 28 -10.95 -14.95 8.75
CA LEU A 28 -10.50 -16.31 8.48
C LEU A 28 -10.23 -17.10 9.80
N VAL A 29 -9.72 -16.39 10.81
CA VAL A 29 -9.49 -17.03 12.09
C VAL A 29 -10.81 -17.41 12.69
N LYS A 30 -11.74 -16.46 12.69
CA LYS A 30 -13.01 -16.72 13.28
C LYS A 30 -13.71 -17.90 12.60
N ALA A 31 -13.63 -18.01 11.27
CA ALA A 31 -14.21 -19.20 10.59
C ALA A 31 -13.65 -20.48 11.12
N ALA A 32 -12.36 -20.53 11.30
CA ALA A 32 -11.71 -21.74 11.76
C ALA A 32 -12.18 -22.01 13.20
N ALA A 33 -12.22 -20.96 14.00
CA ALA A 33 -12.62 -21.09 15.40
C ALA A 33 -14.04 -21.65 15.47
N GLU A 34 -14.93 -21.20 14.59
CA GLU A 34 -16.30 -21.69 14.57
C GLU A 34 -16.43 -23.18 14.27
N SER A 35 -15.64 -23.62 13.29
CA SER A 35 -15.63 -25.05 12.94
C SER A 35 -15.20 -25.87 14.15
N ALA A 36 -14.10 -25.48 14.76
CA ALA A 36 -13.63 -26.19 15.96
C ALA A 36 -14.67 -26.22 17.09
N LYS A 37 -15.37 -25.09 17.32
CA LYS A 37 -16.50 -24.98 18.22
C LYS A 37 -17.57 -26.01 17.93
N ASP A 38 -17.86 -26.23 16.66
CA ASP A 38 -18.78 -27.27 16.25
C ASP A 38 -18.26 -28.67 16.30
N GLY A 39 -17.02 -28.88 16.77
CA GLY A 39 -16.42 -30.23 16.84
C GLY A 39 -15.96 -30.71 15.46
N GLN A 40 -15.71 -29.78 14.52
CA GLN A 40 -15.38 -30.15 13.12
C GLN A 40 -13.89 -29.91 12.94
N PRO A 41 -13.30 -30.60 11.96
CA PRO A 41 -11.96 -30.36 11.58
C PRO A 41 -11.86 -28.93 11.01
N VAL A 42 -10.67 -28.33 11.06
CA VAL A 42 -10.43 -27.01 10.43
C VAL A 42 -9.66 -27.22 9.16
N ASP A 43 -9.60 -26.19 8.36
CA ASP A 43 -8.81 -26.15 7.12
C ASP A 43 -8.16 -24.76 7.16
N LEU A 44 -6.91 -24.71 7.61
CA LEU A 44 -6.21 -23.48 7.80
C LEU A 44 -5.46 -23.00 6.56
N ALA A 45 -5.63 -23.67 5.43
CA ALA A 45 -4.87 -23.37 4.27
C ALA A 45 -5.24 -21.98 3.68
N GLU A 46 -6.52 -21.64 3.62
CA GLU A 46 -6.91 -20.29 3.14
C GLU A 46 -6.37 -19.18 4.10
N PHE A 47 -6.27 -19.42 5.41
CA PHE A 47 -5.67 -18.44 6.33
C PHE A 47 -4.18 -18.26 6.00
N PHE A 48 -3.46 -19.38 5.90
CA PHE A 48 -2.07 -19.32 5.58
C PHE A 48 -1.71 -18.79 4.19
N PHE A 49 -2.47 -19.16 3.17
CA PHE A 49 -2.32 -18.55 1.85
C PHE A 49 -2.46 -17.02 1.96
N ALA A 50 -3.55 -16.54 2.58
CA ALA A 50 -3.76 -15.12 2.74
C ALA A 50 -2.66 -14.52 3.61
N LEU A 51 -2.26 -15.17 4.69
CA LEU A 51 -1.16 -14.68 5.46
C LEU A 51 0.11 -14.53 4.66
N ASP A 52 0.45 -15.56 3.84
CA ASP A 52 1.63 -15.49 3.00
C ASP A 52 1.54 -14.37 1.99
N ARG A 53 0.35 -14.17 1.36
CA ARG A 53 0.19 -13.03 0.45
C ARG A 53 0.42 -11.75 1.08
N ASN A 54 -0.15 -11.61 2.26
CA ASN A 54 0.04 -10.38 3.00
C ASN A 54 1.58 -10.19 3.28
N LEU A 55 2.25 -11.25 3.65
CA LEU A 55 3.66 -11.16 3.95
C LEU A 55 4.47 -10.72 2.69
N GLU A 56 4.16 -11.32 1.57
CA GLU A 56 4.83 -10.94 0.33
C GLU A 56 4.65 -9.48 -0.03
N ASP A 57 3.42 -9.02 0.20
CA ASP A 57 3.10 -7.67 -0.14
C ASP A 57 3.75 -6.70 0.78
N VAL A 58 3.69 -7.01 2.05
CA VAL A 58 4.35 -6.15 3.05
C VAL A 58 5.88 -6.03 2.74
N ASP A 59 6.51 -7.14 2.55
CA ASP A 59 7.93 -7.17 2.21
C ASP A 59 8.26 -6.38 0.93
N SER A 60 7.45 -6.59 -0.10
CA SER A 60 7.69 -6.08 -1.43
C SER A 60 7.54 -4.57 -1.32
N PHE A 61 6.52 -4.13 -0.57
CA PHE A 61 6.35 -2.73 -0.41
C PHE A 61 7.48 -2.06 0.39
N TYR A 62 7.79 -2.59 1.59
CA TYR A 62 8.88 -2.11 2.37
C TYR A 62 10.18 -2.06 1.52
N ASN A 63 10.48 -3.09 0.75
CA ASN A 63 11.75 -3.13 0.00
C ASN A 63 11.84 -2.08 -1.04
N LYS A 64 10.71 -1.78 -1.69
CA LYS A 64 10.66 -0.75 -2.74
C LYS A 64 10.87 0.59 -2.12
N LYS A 65 10.21 0.80 -0.98
CA LYS A 65 10.41 2.08 -0.32
C LYS A 65 11.82 2.23 0.18
N PHE A 66 12.39 1.16 0.69
CA PHE A 66 13.76 1.23 1.17
C PHE A 66 14.73 1.59 -0.01
N ALA A 67 14.54 0.96 -1.19
CA ALA A 67 15.30 1.22 -2.43
C ALA A 67 15.11 2.69 -2.80
N ASP A 68 13.86 3.23 -2.70
CA ASP A 68 13.63 4.67 -2.91
C ASP A 68 14.42 5.55 -1.97
N ALA A 69 14.35 5.25 -0.67
CA ALA A 69 15.06 6.03 0.33
C ALA A 69 16.59 6.08 0.03
N CYS A 70 17.17 4.91 -0.29
CA CYS A 70 18.58 4.82 -0.69
C CYS A 70 18.93 5.65 -1.93
N ARG A 71 18.10 5.61 -2.97
CA ARG A 71 18.26 6.47 -4.15
C ARG A 71 18.22 7.91 -3.79
N ARG A 72 17.28 8.28 -2.94
CA ARG A 72 17.23 9.61 -2.46
C ARG A 72 18.54 10.03 -1.76
N LEU A 73 19.05 9.19 -0.86
CA LEU A 73 20.28 9.50 -0.16
C LEU A 73 21.43 9.71 -1.18
N LYS A 74 21.50 8.84 -2.18
CA LYS A 74 22.50 8.97 -3.23
C LYS A 74 22.38 10.33 -3.95
N VAL A 75 21.19 10.72 -4.37
CA VAL A 75 20.95 12.05 -5.00
C VAL A 75 21.40 13.16 -4.03
N LEU A 76 21.11 13.04 -2.76
CA LEU A 76 21.56 14.11 -1.87
C LEU A 76 23.11 14.16 -1.77
N GLN A 77 23.74 12.99 -1.67
CA GLN A 77 25.20 12.92 -1.73
C GLN A 77 25.82 13.52 -3.03
N ASP A 78 25.23 13.18 -4.17
CA ASP A 78 25.65 13.75 -5.44
C ASP A 78 25.61 15.28 -5.47
N ARG A 79 24.58 15.84 -4.84
CA ARG A 79 24.45 17.28 -4.77
C ARG A 79 25.29 17.98 -3.75
N TYR A 80 25.31 17.43 -2.54
CA TYR A 80 25.90 18.06 -1.37
C TYR A 80 27.17 17.34 -0.80
N GLY A 81 27.53 16.18 -1.32
CA GLY A 81 28.61 15.43 -0.74
C GLY A 81 28.26 14.39 0.33
N THR A 82 29.32 13.70 0.66
CA THR A 82 29.23 12.49 1.44
C THR A 82 29.36 12.67 2.93
N THR A 83 29.69 13.84 3.43
CA THR A 83 29.84 14.00 4.90
C THR A 83 29.17 15.34 5.25
N PRO A 84 28.67 15.46 6.47
CA PRO A 84 27.95 16.67 6.82
C PRO A 84 28.77 17.89 7.00
N GLU A 85 30.09 17.71 7.17
CA GLU A 85 30.97 18.84 7.44
C GLU A 85 31.08 19.71 6.22
N VAL A 86 30.72 19.19 5.05
CA VAL A 86 30.60 20.03 3.81
C VAL A 86 29.68 21.23 3.96
N VAL A 87 28.73 21.17 4.90
CA VAL A 87 27.85 22.33 5.16
C VAL A 87 28.57 23.65 5.28
N VAL A 88 29.83 23.65 5.72
CA VAL A 88 30.57 24.90 5.84
C VAL A 88 30.85 25.58 4.49
N ASN A 89 30.82 24.81 3.40
CA ASN A 89 31.02 25.37 2.04
C ASN A 89 29.74 25.81 1.36
N LEU A 90 28.61 25.54 1.99
CA LEU A 90 27.29 25.89 1.45
C LEU A 90 26.93 27.29 1.77
N ASP A 91 26.24 27.98 0.84
CA ASP A 91 25.64 29.27 1.18
C ASP A 91 24.29 29.04 1.87
N ASP A 92 23.61 30.11 2.26
CA ASP A 92 22.37 30.04 3.05
C ASP A 92 21.22 29.36 2.34
N ASP A 93 21.10 29.57 1.04
CA ASP A 93 20.05 28.91 0.28
C ASP A 93 20.29 27.43 0.21
N GLU A 94 21.51 27.09 -0.24
CA GLU A 94 21.91 25.72 -0.38
C GLU A 94 21.71 24.98 0.94
N ALA A 95 22.13 25.59 2.05
CA ALA A 95 22.02 24.98 3.39
C ALA A 95 20.56 24.77 3.87
N GLU A 96 19.69 25.72 3.57
CA GLU A 96 18.26 25.57 3.87
C GLU A 96 17.69 24.45 2.98
N GLU A 97 18.03 24.41 1.71
CA GLU A 97 17.50 23.41 0.79
C GLU A 97 17.92 22.01 1.27
N LEU A 98 19.17 21.92 1.74
CA LEU A 98 19.71 20.70 2.26
C LEU A 98 18.91 20.24 3.47
N MET A 99 18.77 21.14 4.44
CA MET A 99 17.98 20.88 5.63
C MET A 99 16.60 20.34 5.23
N GLY A 100 15.87 21.03 4.33
CA GLY A 100 14.56 20.54 3.84
C GLY A 100 14.58 19.08 3.33
N ALA A 101 15.52 18.82 2.45
CA ALA A 101 15.73 17.49 1.91
C ALA A 101 15.99 16.47 3.09
N LEU A 102 16.82 16.85 4.05
CA LEU A 102 17.19 15.96 5.13
C LEU A 102 16.01 15.66 6.05
N LEU A 103 15.21 16.68 6.36
CA LEU A 103 14.03 16.48 7.17
C LEU A 103 13.01 15.58 6.48
N GLU A 104 12.79 15.79 5.19
CA GLU A 104 11.90 14.96 4.39
C GLU A 104 12.40 13.48 4.36
N LEU A 105 13.69 13.28 4.12
CA LEU A 105 14.23 11.93 4.10
C LEU A 105 14.13 11.24 5.46
N ARG A 106 14.53 11.96 6.51
CA ARG A 106 14.27 11.46 7.84
C ARG A 106 12.79 11.04 8.10
N SER A 107 11.84 11.89 7.70
CA SER A 107 10.42 11.58 7.79
C SER A 107 10.11 10.26 7.03
N GLN A 108 10.54 10.13 5.79
CA GLN A 108 10.37 8.94 5.01
C GLN A 108 10.95 7.66 5.64
N LEU A 109 12.15 7.80 6.20
CA LEU A 109 12.78 6.68 6.89
C LEU A 109 12.06 6.31 8.17
N ARG A 110 11.68 7.32 8.97
CA ARG A 110 10.92 7.05 10.17
C ARG A 110 9.64 6.31 9.87
N LYS A 111 8.99 6.72 8.77
CA LYS A 111 7.72 6.13 8.36
C LYS A 111 7.96 4.66 7.91
N LEU A 112 9.04 4.47 7.18
CA LEU A 112 9.40 3.12 6.73
C LEU A 112 9.66 2.19 7.95
N GLN A 113 10.42 2.66 8.93
CA GLN A 113 10.67 1.88 10.11
C GLN A 113 9.41 1.49 10.86
N TRP A 114 8.52 2.46 11.03
CA TRP A 114 7.32 2.25 11.76
C TRP A 114 6.42 1.28 11.00
N PHE A 115 6.41 1.36 9.69
CA PHE A 115 5.70 0.41 8.87
C PHE A 115 6.17 -0.99 9.07
N GLY A 116 7.50 -1.13 9.12
CA GLY A 116 8.11 -2.41 9.44
C GLY A 116 7.68 -2.94 10.81
N GLU A 117 7.76 -2.08 11.82
CA GLU A 117 7.53 -2.56 13.20
C GLU A 117 6.05 -2.93 13.40
N ILE A 118 5.16 -2.11 12.85
CA ILE A 118 3.75 -2.35 13.04
C ILE A 118 3.30 -3.61 12.28
N ASN A 119 3.81 -3.79 11.05
CA ASN A 119 3.49 -5.01 10.31
C ASN A 119 3.99 -6.26 10.99
N ARG A 120 5.20 -6.20 11.55
CA ARG A 120 5.74 -7.35 12.27
C ARG A 120 4.90 -7.65 13.48
N ARG A 121 4.49 -6.61 14.23
CA ARG A 121 3.55 -6.84 15.35
C ARG A 121 2.29 -7.51 14.86
N GLY A 122 1.78 -7.03 13.74
CA GLY A 122 0.58 -7.61 13.20
C GLY A 122 0.68 -9.09 12.87
N PHE A 123 1.75 -9.49 12.22
CA PHE A 123 1.95 -10.93 12.01
C PHE A 123 2.06 -11.74 13.27
N ILE A 124 2.72 -11.21 14.28
CA ILE A 124 2.89 -11.89 15.52
C ILE A 124 1.48 -12.02 16.21
N LYS A 125 0.76 -10.92 16.22
CA LYS A 125 -0.57 -10.95 16.90
C LYS A 125 -1.61 -11.85 16.23
N ILE A 126 -1.62 -11.91 14.89
CA ILE A 126 -2.63 -12.70 14.19
C ILE A 126 -2.41 -14.21 14.34
N THR A 127 -1.15 -14.61 14.30
CA THR A 127 -0.81 -15.98 14.56
C THR A 127 -1.00 -16.40 15.98
N LYS A 128 -0.67 -15.52 16.91
CA LYS A 128 -0.99 -15.78 18.26
C LYS A 128 -2.49 -15.98 18.45
N LYS A 129 -3.24 -15.12 17.79
CA LYS A 129 -4.69 -15.22 17.86
C LYS A 129 -5.22 -16.63 17.34
N LEU A 130 -4.76 -17.01 16.13
CA LEU A 130 -5.08 -18.36 15.60
C LEU A 130 -4.78 -19.48 16.59
N ASP A 131 -3.56 -19.43 17.19
CA ASP A 131 -3.13 -20.43 18.17
C ASP A 131 -3.99 -20.51 19.42
N LYS A 132 -4.57 -19.38 19.76
CA LYS A 132 -5.37 -19.25 20.99
C LYS A 132 -6.79 -19.75 20.66
N LYS A 133 -7.26 -19.57 19.43
CA LYS A 133 -8.68 -19.83 19.06
C LYS A 133 -8.95 -21.16 18.36
N VAL A 134 -7.89 -21.89 18.02
CA VAL A 134 -8.04 -23.16 17.34
C VAL A 134 -7.28 -24.22 18.12
N PRO A 135 -7.89 -25.36 18.38
CA PRO A 135 -7.19 -26.42 19.13
C PRO A 135 -5.99 -27.05 18.45
N ASN A 136 -5.05 -27.49 19.29
CA ASN A 136 -3.73 -28.04 18.84
C ASN A 136 -3.19 -27.31 17.59
N THR A 137 -3.18 -25.99 17.70
CA THR A 137 -2.62 -25.16 16.71
C THR A 137 -1.52 -24.34 17.34
N THR A 138 -0.37 -24.43 16.74
CA THR A 138 0.82 -23.98 17.42
C THR A 138 1.79 -23.42 16.35
N THR A 139 1.55 -22.21 15.87
CA THR A 139 2.11 -21.72 14.65
C THR A 139 2.87 -20.46 14.79
N GLN A 140 2.60 -19.72 15.85
CA GLN A 140 3.07 -18.40 15.99
C GLN A 140 4.61 -18.36 15.93
N HIS A 141 5.23 -19.10 16.81
CA HIS A 141 6.62 -18.97 16.93
C HIS A 141 7.41 -19.50 15.65
N ARG A 142 6.91 -20.63 15.13
CA ARG A 142 7.46 -21.18 13.86
C ARG A 142 7.31 -20.21 12.66
N TYR A 143 6.12 -19.62 12.51
CA TYR A 143 5.80 -18.82 11.33
C TYR A 143 6.63 -17.56 11.40
N ILE A 144 6.65 -16.95 12.61
CA ILE A 144 7.39 -15.75 12.76
C ILE A 144 8.89 -16.02 12.53
N SER A 145 9.42 -17.01 13.20
CA SER A 145 10.83 -17.23 13.10
C SER A 145 11.25 -17.59 11.62
N THR A 146 10.43 -18.39 10.94
CA THR A 146 10.91 -19.01 9.65
C THR A 146 10.53 -18.08 8.50
N LYS A 147 9.49 -17.30 8.62
CA LYS A 147 9.01 -16.51 7.46
C LYS A 147 9.03 -15.07 7.66
N VAL A 148 8.76 -14.57 8.84
CA VAL A 148 8.75 -13.12 9.01
C VAL A 148 10.18 -12.54 9.39
N ASP A 149 10.80 -13.11 10.41
CA ASP A 149 12.10 -12.61 10.99
C ASP A 149 13.19 -12.45 9.86
N PRO A 150 13.21 -13.34 8.82
CA PRO A 150 14.24 -13.09 7.74
C PRO A 150 13.95 -11.92 6.82
N LYS A 151 12.79 -11.28 6.88
CA LYS A 151 12.49 -10.24 5.92
C LYS A 151 13.07 -8.87 6.38
N PRO A 152 13.51 -8.03 5.40
CA PRO A 152 14.06 -6.74 5.85
C PRO A 152 13.08 -5.96 6.75
N PHE A 153 11.76 -5.94 6.45
CA PHE A 153 10.83 -5.09 7.24
C PHE A 153 10.83 -5.42 8.76
N ALA A 154 11.11 -6.67 9.06
CA ALA A 154 11.18 -7.19 10.38
C ALA A 154 12.54 -7.08 10.99
N LYS A 155 13.62 -7.29 10.22
CA LYS A 155 14.95 -7.43 10.82
C LYS A 155 15.76 -6.18 10.62
N ASP A 156 15.23 -5.20 9.89
CA ASP A 156 16.08 -4.17 9.37
C ASP A 156 16.74 -3.45 10.54
N THR A 157 18.02 -3.27 10.47
CA THR A 157 18.62 -2.29 11.36
C THR A 157 19.36 -1.23 10.50
N THR A 158 19.37 -1.33 9.18
CA THR A 158 19.94 -0.30 8.29
C THR A 158 19.21 1.04 8.27
N VAL A 159 17.89 1.01 8.34
CA VAL A 159 17.16 2.24 8.43
C VAL A 159 17.54 3.00 9.63
N ALA A 160 17.70 2.33 10.77
CA ALA A 160 18.12 3.01 12.04
C ALA A 160 19.53 3.58 11.94
N ARG A 161 20.38 2.83 11.26
CA ARG A 161 21.76 3.21 10.94
C ARG A 161 21.76 4.49 10.07
N ILE A 162 20.93 4.49 9.01
CA ILE A 162 20.82 5.66 8.18
C ILE A 162 20.14 6.78 8.92
N LEU A 163 19.17 6.48 9.75
CA LEU A 163 18.55 7.58 10.56
C LEU A 163 19.59 8.29 11.49
N THR A 164 20.51 7.55 12.08
CA THR A 164 21.47 8.12 12.99
C THR A 164 22.34 9.06 12.19
N GLU A 165 22.76 8.61 11.01
CA GLU A 165 23.50 9.50 10.07
C GLU A 165 22.75 10.73 9.62
N ILE A 166 21.53 10.58 9.12
CA ILE A 166 20.72 11.75 8.81
C ILE A 166 20.59 12.69 10.03
N ASN A 167 20.33 12.16 11.20
CA ASN A 167 20.25 13.00 12.41
C ASN A 167 21.60 13.69 12.74
N ARG A 168 22.71 12.98 12.53
CA ARG A 168 24.03 13.52 12.77
C ARG A 168 24.25 14.68 11.82
N TRP A 169 23.88 14.51 10.55
CA TRP A 169 23.91 15.59 9.59
C TRP A 169 23.09 16.77 10.03
N ILE A 170 21.86 16.50 10.50
CA ILE A 170 20.91 17.56 10.88
C ILE A 170 21.49 18.42 12.04
N SER A 171 22.14 17.75 12.98
CA SER A 171 22.78 18.36 14.13
C SER A 171 24.03 19.13 13.69
N VAL A 172 24.89 18.47 12.89
CA VAL A 172 26.07 19.16 12.32
C VAL A 172 25.62 20.42 11.58
N LEU A 173 24.61 20.32 10.73
CA LEU A 173 24.08 21.48 10.04
C LEU A 173 23.53 22.59 10.98
N GLY A 174 22.77 22.20 12.01
CA GLY A 174 22.31 23.20 13.00
C GLY A 174 23.50 23.98 13.61
N ASP A 175 24.52 23.22 14.04
CA ASP A 175 25.93 23.63 14.40
C ASP A 175 26.37 23.19 15.79
N ASN B 21 0.05 11.12 -2.79
CA ASN B 21 0.83 12.22 -2.10
C ASN B 21 0.65 13.57 -2.83
N TYR B 22 -0.56 13.93 -3.13
CA TYR B 22 -0.84 15.16 -3.82
C TYR B 22 -0.27 16.38 -3.10
N LYS B 23 -0.33 16.39 -1.77
CA LYS B 23 0.20 17.52 -1.00
C LYS B 23 1.70 17.72 -1.26
N GLY B 24 2.47 16.65 -1.19
CA GLY B 24 3.93 16.75 -1.49
C GLY B 24 4.23 17.15 -2.91
N LEU B 25 3.47 16.62 -3.83
CA LEU B 25 3.62 17.06 -5.21
C LEU B 25 3.34 18.55 -5.43
N LYS B 26 2.36 19.13 -4.74
CA LYS B 26 2.09 20.55 -4.82
C LYS B 26 3.24 21.46 -4.35
N LYS B 27 3.97 21.03 -3.33
CA LYS B 27 5.22 21.76 -2.91
C LYS B 27 6.24 21.80 -4.02
N LEU B 28 6.44 20.66 -4.74
CA LEU B 28 7.37 20.69 -5.92
C LEU B 28 6.88 21.67 -6.97
N VAL B 29 5.58 21.67 -7.23
CA VAL B 29 5.03 22.63 -8.16
C VAL B 29 5.31 24.06 -7.72
N LYS B 30 5.07 24.37 -6.44
CA LYS B 30 5.28 25.73 -5.98
C LYS B 30 6.76 26.12 -6.08
N ALA B 31 7.70 25.23 -5.74
CA ALA B 31 9.15 25.56 -5.87
C ALA B 31 9.45 25.92 -7.33
N ALA B 32 8.92 25.15 -8.27
CA ALA B 32 9.14 25.43 -9.66
C ALA B 32 8.52 26.75 -10.05
N ALA B 33 7.29 26.99 -9.59
CA ALA B 33 6.64 28.26 -9.83
C ALA B 33 7.49 29.45 -9.32
N GLU B 34 8.10 29.30 -8.16
CA GLU B 34 8.94 30.37 -7.55
C GLU B 34 10.19 30.73 -8.33
N SER B 35 10.88 29.70 -8.83
CA SER B 35 12.01 29.89 -9.74
C SER B 35 11.58 30.69 -10.96
N ALA B 36 10.58 30.19 -11.65
CA ALA B 36 10.10 30.89 -12.84
C ALA B 36 9.79 32.40 -12.58
N LYS B 37 9.14 32.66 -11.45
CA LYS B 37 8.81 34.01 -10.95
C LYS B 37 10.05 34.87 -10.85
N ASP B 38 11.17 34.30 -10.43
CA ASP B 38 12.45 35.05 -10.37
C ASP B 38 13.17 35.23 -11.71
N GLY B 39 12.58 34.82 -12.83
CA GLY B 39 13.28 34.77 -14.09
C GLY B 39 14.24 33.61 -14.27
N GLN B 40 14.23 32.59 -13.40
CA GLN B 40 15.21 31.51 -13.43
C GLN B 40 14.62 30.34 -14.23
N PRO B 41 15.47 29.52 -14.87
CA PRO B 41 14.98 28.30 -15.49
C PRO B 41 14.40 27.35 -14.42
N VAL B 42 13.55 26.42 -14.81
CA VAL B 42 13.01 25.42 -13.88
C VAL B 42 13.67 24.10 -14.14
N ASP B 43 13.63 23.24 -13.13
CA ASP B 43 14.10 21.90 -13.26
C ASP B 43 12.93 21.01 -12.78
N LEU B 44 12.16 20.48 -13.70
CA LEU B 44 10.98 19.65 -13.45
C LEU B 44 11.31 18.17 -13.26
N ALA B 45 12.62 17.85 -13.27
CA ALA B 45 13.03 16.46 -13.21
C ALA B 45 12.59 15.78 -11.87
N GLU B 46 12.65 16.53 -10.76
CA GLU B 46 12.29 15.95 -9.49
C GLU B 46 10.78 15.73 -9.35
N PHE B 47 9.96 16.71 -9.79
CA PHE B 47 8.53 16.50 -9.89
C PHE B 47 8.17 15.24 -10.64
N PHE B 48 8.75 15.12 -11.83
CA PHE B 48 8.43 13.99 -12.74
C PHE B 48 8.94 12.65 -12.25
N PHE B 49 10.13 12.64 -11.68
CA PHE B 49 10.59 11.45 -10.97
C PHE B 49 9.65 11.00 -9.85
N ALA B 50 9.24 11.89 -8.95
CA ALA B 50 8.27 11.57 -7.91
C ALA B 50 6.90 11.15 -8.47
N LEU B 51 6.43 11.83 -9.52
CA LEU B 51 5.18 11.48 -10.08
C LEU B 51 5.27 10.07 -10.66
N ASP B 52 6.37 9.76 -11.36
CA ASP B 52 6.55 8.46 -11.91
C ASP B 52 6.60 7.35 -10.87
N ARG B 53 7.24 7.59 -9.75
CA ARG B 53 7.21 6.58 -8.67
C ARG B 53 5.83 6.38 -8.10
N ASN B 54 5.11 7.44 -7.88
CA ASN B 54 3.73 7.35 -7.42
C ASN B 54 2.92 6.56 -8.46
N LEU B 55 3.13 6.83 -9.75
CA LEU B 55 2.38 6.07 -10.77
C LEU B 55 2.68 4.56 -10.69
N GLU B 56 3.95 4.21 -10.53
CA GLU B 56 4.37 2.82 -10.36
C GLU B 56 3.72 2.10 -9.22
N ASP B 57 3.69 2.78 -8.10
CA ASP B 57 3.12 2.22 -6.88
C ASP B 57 1.62 2.08 -7.05
N VAL B 58 0.97 3.06 -7.65
CA VAL B 58 -0.46 2.95 -7.87
C VAL B 58 -0.82 1.76 -8.80
N ASP B 59 -0.12 1.67 -9.92
CA ASP B 59 -0.25 0.56 -10.89
C ASP B 59 -0.03 -0.79 -10.24
N SER B 60 1.03 -0.83 -9.47
CA SER B 60 1.52 -2.07 -8.85
C SER B 60 0.51 -2.56 -7.79
N PHE B 61 0.01 -1.62 -6.99
CA PHE B 61 -0.97 -1.94 -6.00
C PHE B 61 -2.31 -2.41 -6.64
N TYR B 62 -2.78 -1.67 -7.65
CA TYR B 62 -4.04 -1.97 -8.26
C TYR B 62 -3.95 -3.33 -8.88
N ASN B 63 -2.83 -3.63 -9.58
CA ASN B 63 -2.71 -4.93 -10.28
C ASN B 63 -2.71 -6.09 -9.31
N LYS B 64 -1.99 -5.96 -8.18
CA LYS B 64 -2.05 -7.02 -7.16
C LYS B 64 -3.44 -7.21 -6.57
N LYS B 65 -4.09 -6.14 -6.18
CA LYS B 65 -5.42 -6.29 -5.61
C LYS B 65 -6.46 -6.85 -6.62
N PHE B 66 -6.27 -6.51 -7.88
CA PHE B 66 -7.19 -6.97 -8.91
C PHE B 66 -6.98 -8.50 -9.04
N ALA B 67 -5.71 -8.91 -9.13
CA ALA B 67 -5.40 -10.32 -9.22
C ALA B 67 -5.90 -11.03 -7.94
N ASP B 68 -5.78 -10.41 -6.76
CA ASP B 68 -6.39 -11.06 -5.54
C ASP B 68 -7.94 -11.22 -5.59
N ALA B 69 -8.63 -10.22 -6.08
CA ALA B 69 -10.08 -10.30 -6.23
C ALA B 69 -10.51 -11.37 -7.23
N CYS B 70 -9.80 -11.43 -8.37
CA CYS B 70 -9.99 -12.53 -9.35
C CYS B 70 -9.81 -13.91 -8.80
N ARG B 71 -8.71 -14.08 -8.08
CA ARG B 71 -8.46 -15.31 -7.38
C ARG B 71 -9.57 -15.66 -6.36
N ARG B 72 -9.99 -14.68 -5.59
CA ARG B 72 -11.06 -14.90 -4.65
C ARG B 72 -12.35 -15.35 -5.40
N LEU B 73 -12.65 -14.75 -6.51
CA LEU B 73 -13.80 -15.08 -7.25
C LEU B 73 -13.70 -16.57 -7.69
N LYS B 74 -12.51 -16.95 -8.11
CA LYS B 74 -12.30 -18.28 -8.61
C LYS B 74 -12.54 -19.25 -7.51
N VAL B 75 -12.05 -18.92 -6.30
CA VAL B 75 -12.25 -19.80 -5.16
C VAL B 75 -13.73 -19.89 -4.81
N LEU B 76 -14.45 -18.79 -4.82
CA LEU B 76 -15.90 -18.86 -4.63
C LEU B 76 -16.61 -19.79 -5.66
N GLN B 77 -16.24 -19.65 -6.91
CA GLN B 77 -16.81 -20.46 -8.01
C GLN B 77 -16.50 -21.93 -7.86
N ASP B 78 -15.29 -22.23 -7.50
CA ASP B 78 -14.98 -23.66 -7.31
C ASP B 78 -15.62 -24.29 -6.06
N ARG B 79 -15.97 -23.49 -5.06
CA ARG B 79 -16.68 -24.00 -3.94
C ARG B 79 -18.17 -24.08 -4.18
N TYR B 80 -18.74 -23.00 -4.72
CA TYR B 80 -20.21 -22.86 -4.77
C TYR B 80 -20.83 -22.95 -6.10
N GLY B 81 -20.09 -22.64 -7.16
CA GLY B 81 -20.58 -22.83 -8.52
C GLY B 81 -20.46 -21.51 -9.29
N THR B 82 -20.75 -21.61 -10.58
CA THR B 82 -20.45 -20.56 -11.49
C THR B 82 -21.59 -19.70 -11.80
N THR B 83 -22.79 -20.04 -11.34
CA THR B 83 -23.96 -19.21 -11.58
C THR B 83 -24.70 -19.06 -10.24
N PRO B 84 -25.46 -18.00 -10.09
CA PRO B 84 -26.14 -17.86 -8.80
C PRO B 84 -27.35 -18.78 -8.55
N GLU B 85 -27.94 -19.28 -9.64
CA GLU B 85 -29.08 -20.18 -9.55
C GLU B 85 -28.72 -21.46 -8.84
N VAL B 86 -27.42 -21.75 -8.64
CA VAL B 86 -27.00 -22.89 -7.79
C VAL B 86 -27.52 -22.82 -6.36
N VAL B 87 -27.85 -21.60 -5.92
CA VAL B 87 -28.46 -21.44 -4.60
C VAL B 87 -29.55 -22.44 -4.27
N VAL B 88 -30.33 -22.88 -5.27
CA VAL B 88 -31.38 -23.83 -5.02
C VAL B 88 -30.91 -25.17 -4.50
N ASN B 89 -29.64 -25.52 -4.69
CA ASN B 89 -29.07 -26.78 -4.23
C ASN B 89 -28.24 -26.66 -2.95
N LEU B 90 -28.11 -25.44 -2.45
CA LEU B 90 -27.32 -25.12 -1.33
C LEU B 90 -28.22 -25.17 -0.18
N ASP B 91 -27.70 -25.67 0.95
CA ASP B 91 -28.51 -25.58 2.19
C ASP B 91 -28.41 -24.14 2.70
N ASP B 92 -29.11 -23.88 3.80
CA ASP B 92 -29.11 -22.52 4.34
C ASP B 92 -27.75 -22.04 4.83
N ASP B 93 -26.92 -22.92 5.39
CA ASP B 93 -25.58 -22.48 5.85
C ASP B 93 -24.74 -22.11 4.66
N GLU B 94 -24.67 -23.04 3.73
CA GLU B 94 -23.96 -22.83 2.45
C GLU B 94 -24.39 -21.53 1.73
N ALA B 95 -25.71 -21.28 1.60
CA ALA B 95 -26.24 -20.05 0.95
C ALA B 95 -25.84 -18.77 1.67
N GLU B 96 -25.87 -18.81 2.98
CA GLU B 96 -25.43 -17.67 3.76
C GLU B 96 -23.94 -17.49 3.67
N GLU B 97 -23.16 -18.56 3.68
CA GLU B 97 -21.70 -18.37 3.45
C GLU B 97 -21.43 -17.73 2.08
N LEU B 98 -22.11 -18.20 1.06
CA LEU B 98 -21.93 -17.69 -0.28
C LEU B 98 -22.26 -16.18 -0.31
N MET B 99 -23.43 -15.83 0.25
CA MET B 99 -23.84 -14.42 0.42
C MET B 99 -22.74 -13.59 1.07
N GLY B 100 -22.21 -14.05 2.20
CA GLY B 100 -21.12 -13.35 2.82
C GLY B 100 -19.87 -13.19 2.02
N ALA B 101 -19.44 -14.25 1.32
CA ALA B 101 -18.28 -14.14 0.45
C ALA B 101 -18.53 -13.09 -0.67
N LEU B 102 -19.77 -13.07 -1.19
CA LEU B 102 -20.13 -12.16 -2.22
C LEU B 102 -20.14 -10.75 -1.70
N LEU B 103 -20.61 -10.51 -0.46
CA LEU B 103 -20.54 -9.21 0.13
C LEU B 103 -19.10 -8.72 0.41
N GLU B 104 -18.25 -9.56 0.95
CA GLU B 104 -16.83 -9.23 1.14
C GLU B 104 -16.16 -8.84 -0.22
N LEU B 105 -16.45 -9.61 -1.26
CA LEU B 105 -15.84 -9.42 -2.55
C LEU B 105 -16.31 -8.09 -3.18
N ARG B 106 -17.61 -7.85 -3.06
CA ARG B 106 -18.18 -6.59 -3.43
C ARG B 106 -17.51 -5.43 -2.76
N SER B 107 -17.36 -5.54 -1.44
CA SER B 107 -16.68 -4.47 -0.70
C SER B 107 -15.22 -4.26 -1.24
N GLN B 108 -14.45 -5.32 -1.38
CA GLN B 108 -13.08 -5.23 -1.90
C GLN B 108 -13.02 -4.56 -3.31
N LEU B 109 -13.87 -5.05 -4.20
CA LEU B 109 -13.96 -4.49 -5.54
C LEU B 109 -14.38 -3.03 -5.61
N ARG B 110 -15.38 -2.65 -4.83
CA ARG B 110 -15.74 -1.25 -4.75
C ARG B 110 -14.58 -0.35 -4.30
N LYS B 111 -13.84 -0.81 -3.30
CA LYS B 111 -12.66 -0.10 -2.89
C LYS B 111 -11.59 -0.07 -4.00
N LEU B 112 -11.48 -1.14 -4.74
CA LEU B 112 -10.46 -1.18 -5.79
C LEU B 112 -10.86 -0.18 -6.92
N GLN B 113 -12.13 -0.18 -7.30
CA GLN B 113 -12.63 0.77 -8.30
C GLN B 113 -12.35 2.21 -7.87
N TRP B 114 -12.71 2.52 -6.63
CA TRP B 114 -12.53 3.87 -6.09
C TRP B 114 -11.05 4.25 -6.07
N PHE B 115 -10.20 3.31 -5.65
CA PHE B 115 -8.80 3.56 -5.62
C PHE B 115 -8.27 3.98 -7.02
N GLY B 116 -8.59 3.19 -8.02
CA GLY B 116 -8.32 3.51 -9.43
C GLY B 116 -8.76 4.90 -9.89
N GLU B 117 -10.03 5.20 -9.62
CA GLU B 117 -10.63 6.44 -10.03
C GLU B 117 -10.01 7.69 -9.37
N ILE B 118 -9.83 7.63 -8.05
CA ILE B 118 -9.31 8.78 -7.33
C ILE B 118 -7.84 9.00 -7.65
N ASN B 119 -7.10 7.91 -7.89
CA ASN B 119 -5.74 8.09 -8.31
C ASN B 119 -5.57 8.65 -9.70
N ARG B 120 -6.44 8.23 -10.63
CA ARG B 120 -6.44 8.77 -11.93
C ARG B 120 -6.68 10.28 -11.92
N ARG B 121 -7.71 10.69 -11.18
CA ARG B 121 -8.06 12.09 -10.99
C ARG B 121 -6.88 12.87 -10.36
N GLY B 122 -6.15 12.27 -9.41
CA GLY B 122 -4.98 12.90 -8.84
C GLY B 122 -3.88 13.13 -9.88
N PHE B 123 -3.58 12.14 -10.73
CA PHE B 123 -2.58 12.42 -11.76
C PHE B 123 -3.03 13.61 -12.69
N ILE B 124 -4.33 13.61 -13.04
CA ILE B 124 -4.92 14.66 -13.87
C ILE B 124 -4.81 15.99 -13.21
N LYS B 125 -5.25 16.09 -11.93
CA LYS B 125 -5.23 17.38 -11.24
C LYS B 125 -3.81 17.93 -11.02
N ILE B 126 -2.86 17.09 -10.66
CA ILE B 126 -1.51 17.64 -10.34
C ILE B 126 -0.78 18.10 -11.59
N THR B 127 -0.99 17.40 -12.73
CA THR B 127 -0.36 17.81 -13.96
C THR B 127 -1.00 19.07 -14.50
N LYS B 128 -2.30 19.08 -14.44
CA LYS B 128 -3.03 20.30 -14.72
C LYS B 128 -2.48 21.51 -13.92
N LYS B 129 -2.27 21.27 -12.63
CA LYS B 129 -1.81 22.31 -11.79
C LYS B 129 -0.38 22.79 -12.16
N LEU B 130 0.48 21.84 -12.38
CA LEU B 130 1.84 22.16 -12.83
C LEU B 130 1.82 23.07 -14.07
N ASP B 131 0.98 22.72 -15.04
CA ASP B 131 0.84 23.44 -16.27
C ASP B 131 0.28 24.80 -16.09
N LYS B 132 -0.56 24.99 -15.10
CA LYS B 132 -1.12 26.32 -14.78
C LYS B 132 -0.09 27.23 -14.12
N LYS B 133 0.77 26.68 -13.27
CA LYS B 133 1.60 27.48 -12.37
C LYS B 133 3.04 27.63 -12.82
N VAL B 134 3.47 26.82 -13.79
CA VAL B 134 4.79 26.99 -14.34
C VAL B 134 4.68 27.41 -15.81
N PRO B 135 5.36 28.51 -16.21
CA PRO B 135 5.26 28.94 -17.60
C PRO B 135 5.91 27.92 -18.51
N ASN B 136 5.50 27.89 -19.75
CA ASN B 136 6.09 27.08 -20.81
C ASN B 136 6.02 25.60 -20.51
N THR B 137 4.96 25.20 -19.81
CA THR B 137 4.84 23.87 -19.30
C THR B 137 3.47 23.36 -19.66
N THR B 138 3.48 22.35 -20.52
CA THR B 138 2.25 21.77 -21.00
C THR B 138 2.37 20.25 -21.02
N THR B 139 2.13 19.63 -19.89
CA THR B 139 2.47 18.26 -19.73
C THR B 139 1.26 17.38 -19.50
N GLN B 140 0.14 17.95 -19.12
CA GLN B 140 -0.97 17.11 -18.70
C GLN B 140 -1.44 16.09 -19.77
N HIS B 141 -1.71 16.59 -20.95
CA HIS B 141 -2.32 15.79 -21.93
C HIS B 141 -1.44 14.65 -22.36
N ARG B 142 -0.13 14.97 -22.48
CA ARG B 142 0.83 13.99 -22.91
C ARG B 142 1.07 12.98 -21.81
N TYR B 143 1.28 13.45 -20.57
CA TYR B 143 1.55 12.58 -19.47
C TYR B 143 0.38 11.58 -19.24
N ILE B 144 -0.84 12.11 -19.12
CA ILE B 144 -2.00 11.28 -18.95
C ILE B 144 -2.18 10.30 -20.11
N SER B 145 -2.16 10.75 -21.32
CA SER B 145 -2.35 9.86 -22.47
CA SER B 145 -2.39 9.82 -22.44
C SER B 145 -1.24 8.76 -22.54
N THR B 146 0.02 9.13 -22.31
CA THR B 146 1.10 8.16 -22.57
C THR B 146 1.32 7.27 -21.36
N LYS B 147 1.10 7.77 -20.15
CA LYS B 147 1.57 7.01 -18.97
C LYS B 147 0.45 6.53 -18.09
N VAL B 148 -0.60 7.29 -18.00
CA VAL B 148 -1.74 6.86 -17.15
C VAL B 148 -2.83 6.05 -17.85
N ASP B 149 -3.32 6.52 -19.01
CA ASP B 149 -4.47 5.94 -19.75
C ASP B 149 -4.22 4.41 -20.09
N PRO B 150 -2.99 3.98 -20.44
CA PRO B 150 -2.72 2.53 -20.67
C PRO B 150 -2.73 1.61 -19.44
N LYS B 151 -2.83 2.18 -18.25
CA LYS B 151 -2.64 1.33 -17.03
C LYS B 151 -3.96 0.78 -16.64
N PRO B 152 -3.97 -0.50 -16.16
CA PRO B 152 -5.26 -1.01 -15.70
C PRO B 152 -6.06 -0.11 -14.77
N PHE B 153 -5.44 0.52 -13.80
CA PHE B 153 -6.24 1.23 -12.75
C PHE B 153 -7.02 2.39 -13.39
N ALA B 154 -6.58 2.81 -14.58
CA ALA B 154 -7.20 3.94 -15.22
C ALA B 154 -8.19 3.52 -16.23
N LYS B 155 -7.87 2.44 -16.98
CA LYS B 155 -8.64 2.04 -18.11
C LYS B 155 -9.66 0.96 -17.80
N ASP B 156 -9.56 0.33 -16.62
CA ASP B 156 -10.35 -0.83 -16.33
C ASP B 156 -11.87 -0.69 -16.52
N THR B 157 -12.49 -1.64 -17.17
CA THR B 157 -13.94 -1.74 -17.11
C THR B 157 -14.33 -3.06 -16.55
N THR B 158 -13.38 -3.92 -16.22
CA THR B 158 -13.69 -5.26 -15.74
C THR B 158 -14.25 -5.24 -14.31
N VAL B 159 -13.66 -4.43 -13.43
CA VAL B 159 -14.20 -4.30 -12.03
C VAL B 159 -15.66 -3.92 -12.04
N ALA B 160 -16.03 -2.98 -12.91
CA ALA B 160 -17.46 -2.57 -12.99
C ALA B 160 -18.37 -3.71 -13.43
N ARG B 161 -17.89 -4.50 -14.38
CA ARG B 161 -18.57 -5.62 -14.97
C ARG B 161 -18.72 -6.69 -13.86
N ILE B 162 -17.64 -6.99 -13.13
CA ILE B 162 -17.68 -7.97 -12.10
C ILE B 162 -18.60 -7.48 -11.00
N LEU B 163 -18.56 -6.19 -10.68
CA LEU B 163 -19.44 -5.69 -9.64
C LEU B 163 -20.88 -5.86 -10.04
N THR B 164 -21.22 -5.64 -11.32
CA THR B 164 -22.64 -5.83 -11.82
C THR B 164 -23.13 -7.25 -11.60
N GLU B 165 -22.27 -8.18 -11.94
CA GLU B 165 -22.54 -9.58 -11.71
C GLU B 165 -22.66 -9.98 -10.24
N ILE B 166 -21.67 -9.64 -9.41
CA ILE B 166 -21.79 -9.88 -7.97
C ILE B 166 -23.14 -9.27 -7.46
N ASN B 167 -23.46 -8.03 -7.79
CA ASN B 167 -24.80 -7.51 -7.38
C ASN B 167 -26.03 -8.32 -7.88
N ARG B 168 -25.95 -8.84 -9.10
CA ARG B 168 -26.99 -9.72 -9.62
C ARG B 168 -27.07 -11.02 -8.85
N TRP B 169 -25.92 -11.56 -8.55
CA TRP B 169 -25.87 -12.78 -7.72
C TRP B 169 -26.56 -12.50 -6.35
N ILE B 170 -26.16 -11.39 -5.74
CA ILE B 170 -26.73 -11.00 -4.40
C ILE B 170 -28.24 -10.99 -4.45
N SER B 171 -28.79 -10.45 -5.54
CA SER B 171 -30.22 -10.29 -5.73
C SER B 171 -30.90 -11.63 -5.91
N VAL B 172 -30.35 -12.47 -6.80
CA VAL B 172 -30.85 -13.80 -6.98
C VAL B 172 -30.84 -14.56 -5.62
N LEU B 173 -29.76 -14.56 -4.89
CA LEU B 173 -29.77 -15.19 -3.55
C LEU B 173 -30.80 -14.55 -2.56
N GLY B 174 -30.90 -13.22 -2.56
CA GLY B 174 -31.97 -12.49 -1.78
C GLY B 174 -33.39 -12.97 -2.11
N ASP B 175 -33.72 -13.03 -3.39
CA ASP B 175 -35.01 -13.55 -3.84
C ASP B 175 -35.29 -14.97 -3.37
N ALA B 176 -34.25 -15.77 -3.19
CA ALA B 176 -34.46 -17.15 -2.78
C ALA B 176 -34.51 -17.30 -1.27
N ARG B 177 -34.14 -16.27 -0.48
CA ARG B 177 -34.00 -16.36 1.00
C ARG B 177 -35.19 -17.02 1.69
C1 IHP C . -9.93 -10.10 21.19
C2 IHP C . -8.98 -8.94 21.34
C3 IHP C . -9.03 -7.84 20.30
C4 IHP C . -10.46 -7.44 19.94
C5 IHP C . -11.35 -8.60 19.54
C6 IHP C . -11.13 -9.89 20.27
O11 IHP C . -10.40 -10.47 22.48
P1 IHP C . -10.77 -11.99 22.89
O21 IHP C . -10.88 -11.91 24.39
O31 IHP C . -12.11 -12.29 22.24
O41 IHP C . -9.58 -12.78 22.33
O12 IHP C . -7.71 -9.57 21.24
P2 IHP C . -6.68 -9.83 22.46
O22 IHP C . -6.18 -11.25 22.28
O32 IHP C . -7.54 -9.75 23.69
O42 IHP C . -5.69 -8.72 22.13
O13 IHP C . -8.40 -8.29 19.14
P3 IHP C . -7.07 -7.67 18.44
O23 IHP C . -7.54 -6.56 17.55
O33 IHP C . -6.10 -7.25 19.53
O43 IHP C . -6.55 -8.88 17.68
O14 IHP C . -10.46 -6.69 18.72
P4 IHP C . -10.57 -5.11 18.51
O24 IHP C . -11.02 -5.03 17.07
O34 IHP C . -11.65 -4.69 19.51
O44 IHP C . -9.17 -4.56 18.76
O15 IHP C . -12.73 -8.27 19.65
P5 IHP C . -13.84 -8.45 18.48
O25 IHP C . -13.16 -9.12 17.30
O35 IHP C . -14.26 -7.02 18.17
O45 IHP C . -14.79 -9.32 19.26
O16 IHP C . -10.75 -10.66 19.16
P6 IHP C . -11.57 -11.92 18.65
O26 IHP C . -11.48 -12.76 19.91
O36 IHP C . -10.69 -12.25 17.44
O46 IHP C . -12.96 -11.42 18.40
C1 EDO D . -6.44 -11.05 4.04
O1 EDO D . -5.60 -10.68 2.95
C2 EDO D . -7.86 -11.21 3.54
O2 EDO D . -8.19 -12.58 3.67
C1 EDO E . 0.42 -17.36 -0.99
O1 EDO E . 0.33 -18.74 -0.63
C2 EDO E . 1.82 -17.10 -1.51
O2 EDO E . 1.77 -15.80 -2.07
C ACT F . 2.75 -23.34 9.75
O ACT F . 2.07 -23.01 8.77
OXT ACT F . 2.27 -24.16 10.57
CH3 ACT F . 4.16 -22.80 9.90
C1 IHP G . -12.22 23.18 -14.55
C2 IHP G . -13.42 22.53 -13.89
C3 IHP G . -12.93 21.84 -12.62
C4 IHP G . -12.29 22.85 -11.71
C5 IHP G . -11.14 23.55 -12.38
C6 IHP G . -11.60 24.22 -13.64
O11 IHP G . -12.64 23.80 -15.74
P1 IHP G . -11.70 23.76 -17.05
O21 IHP G . -11.82 22.34 -17.57
O31 IHP G . -12.28 24.89 -17.90
O41 IHP G . -10.31 24.03 -16.54
O12 IHP G . -14.04 21.56 -14.75
P2 IHP G . -15.58 21.04 -14.62
O22 IHP G . -16.29 21.63 -15.82
O32 IHP G . -16.11 21.55 -13.28
O42 IHP G . -15.45 19.53 -14.69
O13 IHP G . -11.98 20.82 -12.95
P3 IHP G . -12.16 19.27 -12.52
O23 IHP G . -13.38 19.14 -11.61
O33 IHP G . -12.33 18.55 -13.84
O43 IHP G . -10.86 18.98 -11.81
O14 IHP G . -11.77 22.17 -10.57
P4 IHP G . -12.50 22.14 -9.13
O24 IHP G . -11.30 22.11 -8.21
O34 IHP G . -13.30 23.41 -9.06
O44 IHP G . -13.34 20.87 -9.17
O15 IHP G . -10.61 24.57 -11.53
P5 IHP G . -9.10 24.54 -11.00
O25 IHP G . -8.27 24.22 -12.25
O35 IHP G . -9.22 23.46 -9.93
O45 IHP G . -8.81 25.94 -10.49
O16 IHP G . -10.43 24.81 -14.23
P6 IHP G . -10.16 26.40 -14.41
O26 IHP G . -10.67 27.02 -13.15
O36 IHP G . -10.98 26.72 -15.65
O46 IHP G . -8.66 26.52 -14.64
C1 IHP H . -4.98 26.18 -3.73
C2 IHP H . -3.69 26.69 -3.06
C3 IHP H . -3.99 26.87 -1.57
C4 IHP H . -4.38 25.49 -1.03
C5 IHP H . -5.61 24.95 -1.78
C6 IHP H . -5.20 24.76 -3.26
O11 IHP H . -5.00 26.37 -5.14
P1 IHP H . -5.99 27.48 -5.77
O21 IHP H . -5.48 27.66 -7.19
O31 IHP H . -7.33 26.78 -5.64
O41 IHP H . -5.85 28.71 -4.89
O12 IHP H . -3.22 27.87 -3.68
P2 IHP H . -2.24 27.77 -4.97
O22 IHP H . -2.93 28.60 -6.04
O32 IHP H . -2.10 26.30 -5.30
O42 IHP H . -0.96 28.40 -4.48
O13 IHP H . -5.14 27.71 -1.40
P3 IHP H . -5.29 29.25 -0.99
O23 IHP H . -6.09 29.13 0.28
O33 IHP H . -3.86 29.71 -0.81
O43 IHP H . -6.03 29.83 -2.17
O14 IHP H . -4.65 25.60 0.36
P4 IHP H . -3.71 24.85 1.42
O24 IHP H . -4.34 25.21 2.75
O34 IHP H . -3.88 23.40 1.07
O44 IHP H . -2.35 25.45 1.13
O15 IHP H . -6.17 23.81 -1.13
P5 IHP H . -7.66 23.94 -0.48
O25 IHP H . -8.55 24.29 -1.66
O35 IHP H . -7.54 25.03 0.56
O45 IHP H . -7.91 22.56 0.09
O16 IHP H . -6.18 24.10 -4.04
P6 IHP H . -6.03 22.53 -4.45
O26 IHP H . -5.45 21.85 -3.24
O36 IHP H . -5.07 22.50 -5.59
O46 IHP H . -7.46 22.18 -4.82
C1 EDO I . -27.74 -16.37 -14.62
O1 EDO I . -28.89 -16.95 -15.21
C2 EDO I . -26.49 -17.14 -14.93
O2 EDO I . -25.36 -16.26 -14.91
C1 EDO J . 5.45 13.88 -20.88
O1 EDO J . 5.20 12.47 -20.52
C2 EDO J . 6.25 14.77 -19.90
O2 EDO J . 6.51 16.11 -20.44
#